data_9FWO
#
_entry.id   9FWO
#
_cell.length_a   62.074
_cell.length_b   70.553
_cell.length_c   108.48
_cell.angle_alpha   90
_cell.angle_beta   90
_cell.angle_gamma   90
#
_symmetry.space_group_name_H-M   'P 21 21 21'
#
loop_
_entity.id
_entity.type
_entity.pdbx_description
1 polymer 'Non-structural protein 10'
2 polymer 'Guanine-N7 methyltransferase nsp14'
3 non-polymer 'ZINC ION'
4 non-polymer 1-methylpyrrole-2-carboxamide
5 non-polymer 'MAGNESIUM ION'
6 water water
#
loop_
_entity_poly.entity_id
_entity_poly.type
_entity_poly.pdbx_seq_one_letter_code
_entity_poly.pdbx_strand_id
1 'polypeptide(L)'
;AGNATEVPANSTVLSFCAFAVDAAKAYKDYLASGGQPITNCVKMLCTHTGTGQAITVTPEANMDQESFGGASCCLYCRCH
IDHPNPKGFCDLKGKYVQIPTTCANDPVGFTLKNTVCTVCGMWKGYGCSCD
;
A
2 'polypeptide(L)'
;MAENVTGLFKDCSKVITGLHPTQAPTHLSVDTKFKTEGLCVDIPGIPKDMTYRRLISMMGFKMNYQVNGYPNMFITREEA
IRHVRAWIGFDVEGCHATREAVGTNLPLQLGFSTGVNLVAVPTGYVDTPNNTDFSRVSAKPPPGDQFKHLIPLMYKGLPW
NVVRIKIVQMLSDTLKNLSDRVVFVLWAHGFELTSMKYFVKIGPERTCCLCDRRATCFSTASDTYACWHHSIGFDYVYNP
FMIDVQQWGFTGNLQSNHDLYCQVHGNAHVASCDAIMTRCLAVHECFVKR
;
B
#
loop_
_chem_comp.id
_chem_comp.type
_chem_comp.name
_chem_comp.formula
A1IGM non-polymer 1-methylpyrrole-2-carboxamide 'C6 H8 N2 O'
MG non-polymer 'MAGNESIUM ION' 'Mg 2'
ZN non-polymer 'ZINC ION' 'Zn 2'
#
# COMPACT_ATOMS: atom_id res chain seq x y z
N ALA A 1 -8.25 15.00 -10.47
CA ALA A 1 -6.91 15.55 -10.67
C ALA A 1 -5.84 14.45 -10.60
N GLY A 2 -4.67 14.71 -11.17
CA GLY A 2 -3.57 13.73 -11.09
C GLY A 2 -3.43 12.85 -12.30
N ASN A 3 -2.37 12.06 -12.35
CA ASN A 3 -2.09 11.21 -13.51
C ASN A 3 -1.91 9.77 -13.10
N ALA A 4 -2.71 8.86 -13.68
CA ALA A 4 -2.63 7.43 -13.34
C ALA A 4 -1.27 6.87 -13.68
N THR A 5 -0.75 6.02 -12.82
CA THR A 5 0.54 5.39 -13.01
CA THR A 5 0.54 5.36 -13.05
C THR A 5 0.34 3.88 -13.29
N GLU A 6 -0.80 3.28 -12.83
CA GLU A 6 -1.02 1.84 -12.96
C GLU A 6 -2.24 1.39 -13.77
N VAL A 7 -2.24 0.12 -14.17
CA VAL A 7 -3.27 -0.59 -14.90
C VAL A 7 -3.96 -1.61 -13.96
N PRO A 8 -5.24 -1.94 -14.19
CA PRO A 8 -5.93 -2.87 -13.28
C PRO A 8 -5.30 -4.24 -13.11
N ALA A 9 -4.58 -4.76 -14.13
CA ALA A 9 -3.94 -6.07 -14.01
C ALA A 9 -2.94 -6.15 -12.86
N ASN A 10 -2.37 -5.01 -12.40
CA ASN A 10 -1.41 -5.03 -11.31
C ASN A 10 -1.99 -4.76 -9.92
N SER A 11 -3.28 -4.38 -9.84
CA SER A 11 -3.92 -4.06 -8.55
C SER A 11 -3.74 -5.15 -7.46
N THR A 12 -4.14 -6.40 -7.74
CA THR A 12 -4.04 -7.47 -6.76
C THR A 12 -2.60 -7.67 -6.21
N VAL A 13 -1.61 -7.84 -7.09
CA VAL A 13 -0.25 -8.12 -6.67
C VAL A 13 0.37 -6.96 -5.94
N LEU A 14 0.11 -5.73 -6.40
CA LEU A 14 0.68 -4.56 -5.76
C LEU A 14 0.04 -4.31 -4.41
N SER A 15 -1.28 -4.52 -4.28
CA SER A 15 -1.95 -4.35 -2.99
C SER A 15 -1.45 -5.38 -1.97
N PHE A 16 -1.26 -6.61 -2.40
CA PHE A 16 -0.76 -7.69 -1.57
C PHE A 16 0.67 -7.39 -1.08
N CYS A 17 1.59 -7.02 -2.00
CA CYS A 17 2.97 -6.72 -1.63
C CYS A 17 3.12 -5.38 -0.88
N ALA A 18 2.16 -4.43 -1.06
CA ALA A 18 2.19 -3.15 -0.35
C ALA A 18 1.89 -3.30 1.14
N PHE A 19 1.10 -4.33 1.51
CA PHE A 19 0.74 -4.56 2.91
C PHE A 19 1.62 -5.60 3.60
N ALA A 20 2.34 -6.44 2.85
CA ALA A 20 3.15 -7.51 3.44
C ALA A 20 4.31 -7.08 4.34
N VAL A 21 4.60 -7.88 5.40
CA VAL A 21 5.76 -7.62 6.26
CA VAL A 21 5.75 -7.65 6.28
C VAL A 21 7.02 -7.84 5.43
N ASP A 22 7.07 -8.94 4.65
CA ASP A 22 8.17 -9.32 3.77
C ASP A 22 7.63 -9.32 2.34
N ALA A 23 7.75 -8.18 1.66
CA ALA A 23 7.25 -8.02 0.29
C ALA A 23 7.93 -8.93 -0.75
N ALA A 24 9.24 -9.16 -0.65
CA ALA A 24 9.93 -10.04 -1.59
C ALA A 24 9.38 -11.48 -1.50
N LYS A 25 9.21 -12.00 -0.28
CA LYS A 25 8.67 -13.35 -0.09
C LYS A 25 7.21 -13.37 -0.59
N ALA A 26 6.44 -12.31 -0.27
CA ALA A 26 5.06 -12.17 -0.74
C ALA A 26 4.96 -12.24 -2.25
N TYR A 27 5.85 -11.58 -3.00
CA TYR A 27 5.81 -11.65 -4.46
C TYR A 27 6.21 -13.04 -4.99
N LYS A 28 7.23 -13.68 -4.40
CA LYS A 28 7.64 -15.02 -4.83
C LYS A 28 6.52 -16.03 -4.57
N ASP A 29 5.82 -15.88 -3.41
CA ASP A 29 4.71 -16.75 -3.06
C ASP A 29 3.49 -16.47 -3.94
N TYR A 30 3.28 -15.22 -4.32
CA TYR A 30 2.20 -14.81 -5.23
C TYR A 30 2.42 -15.48 -6.59
N LEU A 31 3.66 -15.48 -7.10
CA LEU A 31 3.97 -16.14 -8.36
C LEU A 31 3.79 -17.67 -8.24
N ALA A 32 4.24 -18.25 -7.12
CA ALA A 32 4.12 -19.70 -6.91
C ALA A 32 2.66 -20.16 -6.80
N SER A 33 1.76 -19.27 -6.36
CA SER A 33 0.33 -19.60 -6.31
C SER A 33 -0.41 -19.32 -7.63
N GLY A 34 0.34 -19.18 -8.71
CA GLY A 34 -0.24 -18.95 -10.03
C GLY A 34 -0.49 -17.50 -10.41
N GLY A 35 -0.07 -16.57 -9.57
CA GLY A 35 -0.27 -15.16 -9.85
C GLY A 35 0.51 -14.70 -11.06
N GLN A 36 0.00 -13.67 -11.75
CA GLN A 36 0.64 -13.13 -12.94
C GLN A 36 1.76 -12.15 -12.60
N PRO A 37 2.88 -12.20 -13.33
CA PRO A 37 3.97 -11.27 -13.05
C PRO A 37 3.56 -9.81 -13.24
N ILE A 38 4.20 -8.90 -12.50
CA ILE A 38 3.94 -7.47 -12.62
C ILE A 38 4.21 -7.00 -14.07
N THR A 39 3.24 -6.31 -14.66
CA THR A 39 3.34 -5.80 -16.02
C THR A 39 3.45 -4.25 -15.96
N ASN A 40 3.37 -3.54 -17.10
CA ASN A 40 3.44 -2.08 -17.12
C ASN A 40 4.85 -1.60 -16.75
N CYS A 41 5.88 -2.40 -17.04
CA CYS A 41 7.28 -2.06 -16.84
C CYS A 41 7.73 -1.09 -17.94
N VAL A 42 8.85 -0.38 -17.75
CA VAL A 42 9.39 0.53 -18.75
C VAL A 42 10.34 -0.24 -19.67
N LYS A 43 9.83 -0.78 -20.78
CA LYS A 43 10.64 -1.53 -21.71
C LYS A 43 11.24 -0.56 -22.74
N MET A 44 12.51 -0.70 -23.05
CA MET A 44 13.19 0.21 -23.97
C MET A 44 13.32 -0.28 -25.41
N LEU A 45 13.23 0.67 -26.34
CA LEU A 45 13.49 0.47 -27.76
C LEU A 45 14.96 0.84 -27.85
N CYS A 46 15.80 -0.16 -28.13
CA CYS A 46 17.24 -0.01 -28.19
C CYS A 46 17.81 -0.78 -29.37
N THR A 47 19.09 -0.52 -29.69
CA THR A 47 19.76 -1.15 -30.83
C THR A 47 20.10 -2.62 -30.60
N HIS A 48 20.19 -3.06 -29.32
CA HIS A 48 20.63 -4.41 -28.99
C HIS A 48 22.09 -4.67 -29.37
N THR A 49 22.89 -3.60 -29.52
CA THR A 49 24.33 -3.67 -29.78
C THR A 49 25.07 -3.06 -28.58
N GLY A 50 24.55 -3.29 -27.36
CA GLY A 50 25.11 -2.76 -26.13
C GLY A 50 26.08 -3.71 -25.47
N THR A 51 26.71 -3.26 -24.39
CA THR A 51 27.71 -4.04 -23.69
C THR A 51 27.22 -5.34 -23.08
N GLY A 52 25.97 -5.38 -22.69
CA GLY A 52 25.43 -6.56 -22.01
C GLY A 52 25.55 -6.49 -20.50
N GLN A 53 26.09 -5.40 -19.96
CA GLN A 53 26.21 -5.17 -18.52
C GLN A 53 24.82 -5.19 -17.87
N ALA A 54 24.73 -5.55 -16.59
CA ALA A 54 23.45 -5.70 -15.92
C ALA A 54 22.76 -4.37 -15.55
N ILE A 55 23.47 -3.45 -14.90
CA ILE A 55 22.88 -2.20 -14.44
C ILE A 55 23.74 -1.06 -14.96
N THR A 56 23.19 -0.29 -15.90
CA THR A 56 23.93 0.75 -16.63
C THR A 56 23.26 2.14 -16.60
N VAL A 57 23.99 3.21 -16.97
CA VAL A 57 23.41 4.55 -16.98
C VAL A 57 22.57 4.79 -18.26
N THR A 58 22.85 4.04 -19.34
CA THR A 58 22.12 4.10 -20.61
C THR A 58 21.75 2.64 -21.02
N PRO A 59 20.72 2.39 -21.87
CA PRO A 59 20.41 1.00 -22.23
C PRO A 59 21.61 0.31 -22.89
N GLU A 60 21.98 -0.85 -22.38
CA GLU A 60 23.12 -1.62 -22.90
C GLU A 60 22.73 -3.05 -23.26
N ALA A 61 21.48 -3.28 -23.67
CA ALA A 61 21.04 -4.64 -23.99
C ALA A 61 21.81 -5.20 -25.19
N ASN A 62 22.21 -6.47 -25.10
CA ASN A 62 22.82 -7.14 -26.25
C ASN A 62 21.70 -7.88 -27.03
N MET A 63 22.05 -8.78 -27.98
CA MET A 63 21.05 -9.49 -28.76
C MET A 63 20.28 -10.57 -27.97
N ASP A 64 20.68 -10.83 -26.71
CA ASP A 64 20.01 -11.81 -25.85
C ASP A 64 19.32 -11.16 -24.63
N GLN A 65 19.07 -9.84 -24.68
CA GLN A 65 18.49 -9.14 -23.53
C GLN A 65 17.48 -8.08 -23.95
N GLU A 66 16.67 -7.65 -23.01
CA GLU A 66 15.76 -6.52 -23.18
C GLU A 66 16.23 -5.50 -22.13
N SER A 67 16.16 -4.21 -22.45
CA SER A 67 16.54 -3.16 -21.49
C SER A 67 15.29 -2.59 -20.87
N PHE A 68 15.35 -2.30 -19.58
CA PHE A 68 14.22 -1.72 -18.87
C PHE A 68 14.68 -0.54 -18.01
N GLY A 69 13.76 0.37 -17.68
CA GLY A 69 14.05 1.43 -16.74
C GLY A 69 14.06 0.76 -15.38
N GLY A 70 15.13 0.97 -14.61
CA GLY A 70 15.38 0.32 -13.33
C GLY A 70 14.30 0.41 -12.28
N ALA A 71 13.70 1.60 -12.09
CA ALA A 71 12.66 1.75 -11.07
C ALA A 71 11.46 0.81 -11.32
N SER A 72 11.14 0.61 -12.61
CA SER A 72 10.04 -0.23 -13.06
C SER A 72 10.28 -1.74 -12.86
N CYS A 73 11.53 -2.14 -12.62
CA CYS A 73 11.94 -3.52 -12.33
C CYS A 73 12.15 -3.76 -10.81
N CYS A 74 11.86 -2.75 -9.98
CA CYS A 74 12.07 -2.83 -8.56
C CYS A 74 10.76 -2.96 -7.82
N LEU A 75 10.55 -4.08 -7.14
CA LEU A 75 9.33 -4.32 -6.38
C LEU A 75 9.04 -3.20 -5.36
N TYR A 76 10.10 -2.70 -4.70
CA TYR A 76 9.97 -1.68 -3.66
C TYR A 76 9.53 -0.35 -4.24
N CYS A 77 10.04 0.00 -5.44
CA CYS A 77 9.65 1.20 -6.20
C CYS A 77 8.21 1.03 -6.71
N ARG A 78 7.87 -0.16 -7.23
CA ARG A 78 6.54 -0.43 -7.79
C ARG A 78 5.46 -0.37 -6.75
N CYS A 79 5.76 -0.82 -5.52
CA CYS A 79 4.84 -0.85 -4.40
C CYS A 79 4.90 0.41 -3.54
N HIS A 80 5.89 1.27 -3.75
CA HIS A 80 6.11 2.50 -3.00
C HIS A 80 6.33 2.17 -1.54
N ILE A 81 7.15 1.13 -1.29
CA ILE A 81 7.46 0.68 0.07
C ILE A 81 8.96 0.90 0.43
N ASP A 82 9.34 0.65 1.69
CA ASP A 82 10.73 0.79 2.11
C ASP A 82 11.65 -0.14 1.33
N HIS A 83 12.90 0.30 1.10
CA HIS A 83 13.88 -0.55 0.44
C HIS A 83 14.63 -1.33 1.52
N PRO A 84 14.97 -2.61 1.27
CA PRO A 84 15.55 -3.44 2.35
C PRO A 84 17.00 -3.19 2.77
N ASN A 85 17.75 -2.29 2.12
CA ASN A 85 19.12 -2.00 2.54
C ASN A 85 19.13 -1.00 3.73
N PRO A 86 20.24 -0.88 4.50
CA PRO A 86 20.24 0.02 5.68
C PRO A 86 19.98 1.51 5.38
N LYS A 87 20.52 2.05 4.27
CA LYS A 87 20.29 3.45 3.92
C LYS A 87 18.88 3.72 3.31
N GLY A 88 18.13 2.67 2.97
CA GLY A 88 16.80 2.77 2.41
C GLY A 88 16.75 3.42 1.04
N PHE A 89 17.83 3.29 0.27
CA PHE A 89 17.93 3.87 -1.05
C PHE A 89 17.99 2.81 -2.14
N CYS A 90 17.58 3.16 -3.34
CA CYS A 90 17.52 2.21 -4.42
C CYS A 90 18.73 2.18 -5.31
N ASP A 91 19.11 0.98 -5.76
CA ASP A 91 20.21 0.82 -6.70
C ASP A 91 19.72 0.71 -8.15
N LEU A 92 18.41 0.47 -8.37
CA LEU A 92 17.88 0.34 -9.73
C LEU A 92 17.31 1.64 -10.25
N LYS A 93 16.56 2.39 -9.40
CA LYS A 93 15.98 3.67 -9.80
C LYS A 93 17.10 4.64 -10.23
N GLY A 94 16.98 5.20 -11.42
CA GLY A 94 18.01 6.06 -11.97
C GLY A 94 18.96 5.35 -12.93
N LYS A 95 18.84 4.04 -13.06
CA LYS A 95 19.64 3.24 -13.96
C LYS A 95 18.74 2.43 -14.90
N TYR A 96 19.35 1.75 -15.86
CA TYR A 96 18.67 0.82 -16.78
C TYR A 96 19.12 -0.57 -16.39
N VAL A 97 18.19 -1.53 -16.43
CA VAL A 97 18.53 -2.92 -16.11
C VAL A 97 18.37 -3.77 -17.36
N GLN A 98 19.35 -4.62 -17.62
CA GLN A 98 19.30 -5.53 -18.75
C GLN A 98 18.84 -6.87 -18.22
N ILE A 99 17.75 -7.41 -18.77
CA ILE A 99 17.16 -8.68 -18.35
C ILE A 99 17.27 -9.64 -19.52
N PRO A 100 17.69 -10.90 -19.32
CA PRO A 100 17.72 -11.87 -20.44
C PRO A 100 16.36 -12.00 -21.10
N THR A 101 16.30 -12.08 -22.43
CA THR A 101 15.02 -12.18 -23.15
C THR A 101 14.14 -13.33 -22.64
N THR A 102 14.77 -14.44 -22.21
CA THR A 102 14.03 -15.59 -21.69
C THR A 102 13.25 -15.22 -20.43
N CYS A 103 13.77 -14.28 -19.61
CA CYS A 103 13.14 -13.85 -18.37
C CYS A 103 12.45 -12.48 -18.46
N ALA A 104 12.29 -11.92 -19.65
CA ALA A 104 11.69 -10.59 -19.83
C ALA A 104 10.21 -10.52 -19.51
N ASN A 105 9.54 -11.66 -19.33
CA ASN A 105 8.13 -11.73 -18.92
C ASN A 105 7.97 -11.31 -17.44
N ASP A 106 9.03 -11.39 -16.63
CA ASP A 106 8.96 -10.98 -15.24
C ASP A 106 10.22 -10.20 -14.81
N PRO A 107 10.40 -8.97 -15.31
CA PRO A 107 11.56 -8.17 -14.88
C PRO A 107 11.66 -7.98 -13.38
N VAL A 108 10.54 -7.75 -12.65
CA VAL A 108 10.58 -7.52 -11.20
C VAL A 108 11.07 -8.76 -10.43
N GLY A 109 10.58 -9.92 -10.84
CA GLY A 109 10.96 -11.16 -10.22
C GLY A 109 12.39 -11.52 -10.51
N PHE A 110 12.86 -11.22 -11.74
CA PHE A 110 14.24 -11.50 -12.10
C PHE A 110 15.23 -10.72 -11.21
N THR A 111 14.99 -9.42 -11.00
CA THR A 111 15.88 -8.62 -10.18
C THR A 111 15.82 -9.01 -8.71
N LEU A 112 14.66 -9.46 -8.22
CA LEU A 112 14.50 -9.87 -6.83
C LEU A 112 15.32 -11.12 -6.50
N LYS A 113 15.40 -12.04 -7.46
CA LYS A 113 16.02 -13.35 -7.27
C LYS A 113 17.47 -13.47 -7.73
N ASN A 114 17.96 -12.53 -8.53
CA ASN A 114 19.29 -12.64 -9.09
C ASN A 114 20.28 -11.61 -8.54
N THR A 115 21.60 -11.86 -8.77
CA THR A 115 22.67 -11.00 -8.30
C THR A 115 23.63 -10.62 -9.42
N VAL A 116 24.16 -9.41 -9.34
CA VAL A 116 25.11 -8.92 -10.33
C VAL A 116 26.53 -9.26 -9.87
N CYS A 117 27.36 -9.79 -10.77
CA CYS A 117 28.76 -10.06 -10.43
C CYS A 117 29.48 -8.73 -10.24
N THR A 118 30.04 -8.51 -9.04
CA THR A 118 30.78 -7.27 -8.75
C THR A 118 32.08 -7.14 -9.57
N VAL A 119 32.57 -8.24 -10.17
CA VAL A 119 33.79 -8.21 -10.95
C VAL A 119 33.58 -7.84 -12.44
N CYS A 120 32.71 -8.57 -13.16
CA CYS A 120 32.49 -8.30 -14.59
C CYS A 120 31.22 -7.50 -14.91
N GLY A 121 30.38 -7.23 -13.91
CA GLY A 121 29.15 -6.45 -14.13
C GLY A 121 28.03 -7.16 -14.85
N MET A 122 28.14 -8.48 -15.06
CA MET A 122 27.09 -9.26 -15.71
C MET A 122 26.27 -10.03 -14.66
N TRP A 123 25.04 -10.46 -15.00
CA TRP A 123 24.22 -11.23 -14.06
C TRP A 123 24.83 -12.62 -13.80
N LYS A 124 24.87 -13.07 -12.52
CA LYS A 124 25.36 -14.41 -12.22
C LYS A 124 24.43 -15.45 -12.81
N GLY A 125 25.00 -16.40 -13.53
CA GLY A 125 24.22 -17.44 -14.21
C GLY A 125 23.70 -17.02 -15.58
N TYR A 126 23.87 -15.74 -15.96
CA TYR A 126 23.36 -15.17 -17.21
C TYR A 126 24.38 -14.19 -17.86
N GLY A 127 25.55 -14.70 -18.22
CA GLY A 127 26.57 -13.88 -18.86
C GLY A 127 27.81 -13.60 -18.05
N CYS A 128 27.80 -13.97 -16.76
CA CYS A 128 28.98 -13.77 -15.91
C CYS A 128 30.06 -14.74 -16.39
N SER A 129 31.14 -14.20 -16.97
CA SER A 129 32.21 -15.02 -17.53
C SER A 129 33.11 -15.72 -16.50
N CYS A 130 33.46 -15.04 -15.40
CA CYS A 130 34.34 -15.64 -14.39
C CYS A 130 33.68 -16.78 -13.59
N ASP A 131 34.50 -17.66 -12.99
CA ASP A 131 34.02 -18.80 -12.20
C ASP A 131 34.11 -18.46 -10.71
N ASN B 4 -7.17 0.93 -20.29
CA ASN B 4 -7.80 1.04 -18.97
C ASN B 4 -6.73 1.29 -17.88
N VAL B 5 -7.02 2.19 -16.93
CA VAL B 5 -6.10 2.49 -15.84
C VAL B 5 -6.80 2.39 -14.46
N THR B 6 -6.01 2.36 -13.37
CA THR B 6 -6.56 2.39 -12.03
C THR B 6 -6.16 3.72 -11.34
N GLY B 7 -6.87 4.08 -10.28
CA GLY B 7 -6.51 5.22 -9.43
C GLY B 7 -5.49 4.87 -8.35
N LEU B 8 -5.14 3.58 -8.23
CA LEU B 8 -4.16 3.14 -7.24
C LEU B 8 -2.76 3.59 -7.71
N PHE B 9 -2.04 4.24 -6.80
CA PHE B 9 -0.71 4.80 -7.06
C PHE B 9 -0.75 5.94 -8.06
N LYS B 10 -1.88 6.68 -8.13
CA LYS B 10 -2.00 7.82 -9.02
C LYS B 10 -1.03 8.89 -8.56
N ASP B 11 -0.31 9.48 -9.51
CA ASP B 11 0.67 10.50 -9.19
C ASP B 11 -0.11 11.80 -9.00
N CYS B 12 0.00 12.39 -7.82
CA CYS B 12 -0.76 13.57 -7.47
C CYS B 12 0.04 14.87 -7.52
N SER B 13 1.26 14.86 -8.11
CA SER B 13 2.01 16.11 -8.24
C SER B 13 1.34 17.01 -9.30
N LYS B 14 1.63 18.31 -9.23
CA LYS B 14 1.14 19.28 -10.20
C LYS B 14 2.10 19.49 -11.38
N VAL B 15 3.21 18.72 -11.45
CA VAL B 15 4.20 18.79 -12.51
C VAL B 15 3.56 18.32 -13.82
N ILE B 16 3.70 19.10 -14.89
CA ILE B 16 3.09 18.77 -16.18
C ILE B 16 3.74 17.54 -16.79
N THR B 17 5.07 17.48 -16.73
CA THR B 17 5.80 16.38 -17.34
C THR B 17 5.82 15.09 -16.51
N GLY B 18 5.98 13.97 -17.21
CA GLY B 18 6.11 12.66 -16.60
C GLY B 18 7.52 12.43 -16.13
N LEU B 19 7.88 11.16 -15.87
CA LEU B 19 9.22 10.86 -15.38
C LEU B 19 10.17 10.36 -16.45
N HIS B 20 11.47 10.42 -16.15
CA HIS B 20 12.51 9.91 -17.02
C HIS B 20 12.37 8.36 -17.03
N PRO B 21 12.65 7.67 -18.15
CA PRO B 21 12.51 6.21 -18.16
C PRO B 21 13.15 5.45 -16.99
N THR B 22 14.29 5.94 -16.45
CA THR B 22 14.97 5.29 -15.34
C THR B 22 14.30 5.51 -13.99
N GLN B 23 13.47 6.55 -13.86
CA GLN B 23 12.87 6.93 -12.60
C GLN B 23 11.38 6.61 -12.48
N ALA B 24 10.70 6.48 -13.62
CA ALA B 24 9.27 6.16 -13.64
C ALA B 24 9.05 4.77 -13.09
N PRO B 25 8.09 4.60 -12.17
CA PRO B 25 7.80 3.23 -11.70
C PRO B 25 7.14 2.42 -12.81
N THR B 26 6.46 3.07 -13.78
CA THR B 26 5.70 2.36 -14.81
C THR B 26 5.82 3.00 -16.18
N HIS B 27 5.45 2.28 -17.24
CA HIS B 27 5.45 2.82 -18.59
C HIS B 27 4.48 4.00 -18.67
N LEU B 28 3.30 3.87 -18.05
CA LEU B 28 2.31 4.95 -18.01
C LEU B 28 2.86 6.25 -17.48
N SER B 29 3.74 6.22 -16.45
CA SER B 29 4.24 7.47 -15.87
C SER B 29 5.49 8.03 -16.53
N VAL B 30 5.99 7.41 -17.62
CA VAL B 30 7.14 7.98 -18.34
C VAL B 30 6.64 9.22 -19.08
N ASP B 31 7.49 10.25 -19.18
CA ASP B 31 7.17 11.45 -19.92
C ASP B 31 6.92 11.13 -21.40
N THR B 32 6.00 11.90 -22.02
CA THR B 32 5.59 11.73 -23.42
C THR B 32 6.72 11.81 -24.42
N LYS B 33 7.74 12.64 -24.16
CA LYS B 33 8.90 12.85 -25.04
C LYS B 33 9.69 11.57 -25.35
N PHE B 34 9.70 10.64 -24.40
CA PHE B 34 10.44 9.40 -24.52
C PHE B 34 9.62 8.27 -25.12
N LYS B 35 8.30 8.46 -25.33
CA LYS B 35 7.44 7.41 -25.80
C LYS B 35 7.39 7.30 -27.31
N THR B 36 7.53 6.06 -27.86
CA THR B 36 7.45 5.78 -29.29
C THR B 36 7.19 4.29 -29.56
N GLU B 37 6.24 3.96 -30.45
CA GLU B 37 5.93 2.57 -30.83
C GLU B 37 5.59 1.63 -29.66
N GLY B 38 4.82 2.12 -28.69
CA GLY B 38 4.47 1.35 -27.51
C GLY B 38 5.61 1.13 -26.53
N LEU B 39 6.81 1.66 -26.83
CA LEU B 39 7.98 1.51 -25.96
C LEU B 39 8.53 2.88 -25.51
N CYS B 40 9.72 2.90 -24.87
CA CYS B 40 10.38 4.13 -24.47
C CYS B 40 11.80 4.18 -25.03
N VAL B 41 12.33 5.38 -25.27
CA VAL B 41 13.69 5.55 -25.74
C VAL B 41 14.47 6.38 -24.77
N ASP B 42 15.75 6.10 -24.66
CA ASP B 42 16.65 6.88 -23.84
C ASP B 42 17.11 8.00 -24.75
N ILE B 43 17.09 9.24 -24.25
CA ILE B 43 17.53 10.37 -25.04
C ILE B 43 18.69 11.04 -24.32
N PRO B 44 19.94 10.73 -24.71
CA PRO B 44 21.10 11.37 -24.07
C PRO B 44 21.00 12.88 -24.26
N GLY B 45 21.08 13.61 -23.17
CA GLY B 45 20.91 15.07 -23.20
C GLY B 45 19.65 15.52 -22.48
N ILE B 46 18.69 14.60 -22.23
CA ILE B 46 17.50 14.92 -21.44
C ILE B 46 17.71 14.21 -20.10
N PRO B 47 18.27 14.94 -19.12
CA PRO B 47 18.65 14.28 -17.85
C PRO B 47 17.54 13.83 -16.91
N LYS B 48 17.92 13.02 -15.91
CA LYS B 48 16.99 12.60 -14.86
C LYS B 48 16.71 13.81 -13.95
N ASP B 49 15.64 13.74 -13.16
CA ASP B 49 15.30 14.82 -12.23
C ASP B 49 15.77 14.36 -10.86
N MET B 50 16.65 15.13 -10.20
CA MET B 50 17.19 14.70 -8.91
C MET B 50 16.61 15.45 -7.72
N THR B 51 15.52 16.22 -7.88
CA THR B 51 14.96 16.95 -6.72
C THR B 51 13.45 16.75 -6.51
N TYR B 52 12.78 15.99 -7.39
CA TYR B 52 11.33 15.88 -7.34
C TYR B 52 10.77 15.25 -6.06
N ARG B 53 9.50 15.59 -5.74
CA ARG B 53 8.73 15.03 -4.64
C ARG B 53 7.34 14.82 -5.22
N ARG B 54 6.96 13.56 -5.50
CA ARG B 54 5.68 13.27 -6.10
C ARG B 54 4.76 12.46 -5.18
N LEU B 55 3.70 13.09 -4.66
CA LEU B 55 2.77 12.40 -3.77
C LEU B 55 2.06 11.28 -4.51
N ILE B 56 2.20 10.03 -4.05
CA ILE B 56 1.55 8.88 -4.68
C ILE B 56 0.29 8.48 -3.90
N SER B 57 -0.83 8.31 -4.59
CA SER B 57 -2.09 7.95 -3.96
C SER B 57 -2.20 6.51 -3.48
N MET B 58 -2.64 6.32 -2.22
CA MET B 58 -2.89 4.99 -1.69
C MET B 58 -4.39 4.64 -1.72
N MET B 59 -5.14 5.26 -2.65
CA MET B 59 -6.57 5.01 -2.81
C MET B 59 -6.78 4.04 -3.94
N GLY B 60 -7.44 2.92 -3.66
CA GLY B 60 -7.70 1.94 -4.72
C GLY B 60 -7.14 0.55 -4.49
N PHE B 61 -6.76 0.19 -3.25
CA PHE B 61 -6.27 -1.16 -2.97
C PHE B 61 -7.38 -2.20 -3.19
N LYS B 62 -6.98 -3.42 -3.58
CA LYS B 62 -7.85 -4.54 -3.91
C LYS B 62 -7.26 -5.74 -3.21
N MET B 63 -7.86 -6.18 -2.10
CA MET B 63 -7.31 -7.31 -1.34
C MET B 63 -7.88 -8.68 -1.78
N ASN B 64 -7.88 -8.97 -3.08
CA ASN B 64 -8.43 -10.22 -3.58
C ASN B 64 -7.39 -11.27 -3.99
N TYR B 65 -6.22 -11.23 -3.36
CA TYR B 65 -5.14 -12.16 -3.57
C TYR B 65 -5.60 -13.57 -3.11
N GLN B 66 -5.09 -14.60 -3.79
CA GLN B 66 -5.37 -15.99 -3.46
C GLN B 66 -4.01 -16.64 -3.38
N VAL B 67 -3.38 -16.59 -2.21
CA VAL B 67 -2.03 -17.14 -2.05
C VAL B 67 -2.00 -18.10 -0.88
N ASN B 68 -1.58 -19.35 -1.12
CA ASN B 68 -1.47 -20.42 -0.12
C ASN B 68 -0.74 -19.96 1.13
N GLY B 69 -1.35 -20.19 2.29
CA GLY B 69 -0.75 -19.84 3.57
C GLY B 69 -0.97 -18.41 4.03
N TYR B 70 -1.57 -17.57 3.18
CA TYR B 70 -1.83 -16.18 3.56
C TYR B 70 -3.34 -16.05 3.73
N PRO B 71 -3.80 -15.77 4.95
CA PRO B 71 -5.27 -15.64 5.14
C PRO B 71 -5.82 -14.41 4.42
N ASN B 72 -7.08 -14.46 4.07
CA ASN B 72 -7.75 -13.37 3.38
C ASN B 72 -8.22 -12.31 4.40
N MET B 73 -7.98 -11.01 4.13
CA MET B 73 -8.41 -9.95 5.03
C MET B 73 -9.93 -9.85 5.04
N PHE B 74 -10.55 -9.77 3.86
CA PHE B 74 -12.00 -9.67 3.74
C PHE B 74 -12.67 -11.02 3.86
N ILE B 75 -13.52 -11.15 4.88
CA ILE B 75 -14.22 -12.40 5.19
C ILE B 75 -15.70 -12.38 4.81
N THR B 76 -16.33 -13.56 4.76
CA THR B 76 -17.76 -13.65 4.46
C THR B 76 -18.60 -13.20 5.68
N ARG B 77 -19.89 -12.90 5.44
N ARG B 77 -19.88 -12.91 5.44
CA ARG B 77 -20.83 -12.51 6.49
CA ARG B 77 -20.82 -12.52 6.49
C ARG B 77 -20.97 -13.62 7.54
C ARG B 77 -20.96 -13.62 7.54
N GLU B 78 -20.94 -14.90 7.10
CA GLU B 78 -21.07 -16.05 7.98
C GLU B 78 -19.86 -16.23 8.85
N GLU B 79 -18.67 -15.98 8.29
CA GLU B 79 -17.44 -16.09 9.09
C GLU B 79 -17.37 -14.91 10.06
N ALA B 80 -17.79 -13.70 9.63
CA ALA B 80 -17.83 -12.53 10.53
C ALA B 80 -18.82 -12.79 11.69
N ILE B 81 -19.97 -13.44 11.41
CA ILE B 81 -20.95 -13.74 12.45
C ILE B 81 -20.33 -14.64 13.52
N ARG B 82 -19.59 -15.70 13.12
CA ARG B 82 -18.91 -16.61 14.03
C ARG B 82 -17.95 -15.84 14.94
N HIS B 83 -17.28 -14.81 14.39
CA HIS B 83 -16.32 -14.00 15.15
C HIS B 83 -16.90 -12.66 15.58
N VAL B 84 -18.18 -12.62 15.97
CA VAL B 84 -18.80 -11.39 16.44
C VAL B 84 -18.08 -10.80 17.68
N ARG B 85 -17.43 -11.64 18.53
CA ARG B 85 -16.65 -11.11 19.65
C ARG B 85 -15.46 -10.26 19.21
N ALA B 86 -14.96 -10.48 17.97
CA ALA B 86 -13.82 -9.74 17.44
C ALA B 86 -14.19 -8.43 16.73
N TRP B 87 -15.49 -8.13 16.59
CA TRP B 87 -15.94 -6.94 15.87
C TRP B 87 -15.53 -5.62 16.48
N ILE B 88 -14.89 -4.79 15.66
CA ILE B 88 -14.55 -3.42 16.01
C ILE B 88 -15.00 -2.57 14.81
N GLY B 89 -15.95 -1.66 15.04
CA GLY B 89 -16.39 -0.73 14.01
C GLY B 89 -15.25 0.24 13.73
N PHE B 90 -15.04 0.61 12.47
CA PHE B 90 -13.93 1.47 12.11
C PHE B 90 -14.35 2.44 11.04
N ASP B 91 -14.02 3.74 11.22
CA ASP B 91 -14.32 4.79 10.25
C ASP B 91 -13.20 5.82 10.26
N VAL B 92 -12.88 6.40 9.09
CA VAL B 92 -11.85 7.42 9.01
C VAL B 92 -12.42 8.64 8.33
N GLU B 93 -12.22 9.81 8.94
CA GLU B 93 -12.55 11.09 8.34
C GLU B 93 -11.22 11.61 7.80
N GLY B 94 -11.21 12.00 6.54
CA GLY B 94 -9.98 12.41 5.88
C GLY B 94 -9.87 13.87 5.54
N CYS B 95 -8.73 14.23 5.00
CA CYS B 95 -8.47 15.56 4.51
C CYS B 95 -7.88 15.45 3.10
N HIS B 96 -7.88 16.54 2.34
CA HIS B 96 -7.43 16.53 0.94
C HIS B 96 -6.02 16.99 0.76
N ALA B 97 -5.25 16.37 -0.15
CA ALA B 97 -3.90 16.83 -0.43
C ALA B 97 -3.98 18.23 -1.09
N THR B 98 -3.09 19.12 -0.69
CA THR B 98 -3.10 20.50 -1.20
C THR B 98 -1.69 21.02 -1.48
N ARG B 99 -1.61 22.18 -2.18
CA ARG B 99 -0.39 22.92 -2.50
C ARG B 99 0.54 22.17 -3.46
N GLU B 100 1.47 21.36 -2.95
CA GLU B 100 2.39 20.62 -3.80
C GLU B 100 1.75 19.40 -4.46
N ALA B 101 0.53 19.03 -4.06
CA ALA B 101 -0.15 17.88 -4.60
C ALA B 101 -1.65 18.04 -4.55
N VAL B 102 -2.37 17.34 -5.42
CA VAL B 102 -3.83 17.37 -5.46
C VAL B 102 -4.30 16.09 -6.13
N GLY B 103 -5.33 15.47 -5.56
CA GLY B 103 -5.91 14.27 -6.13
C GLY B 103 -6.08 13.10 -5.17
N THR B 104 -5.68 13.26 -3.90
CA THR B 104 -5.80 12.14 -2.95
C THR B 104 -6.16 12.59 -1.53
N ASN B 105 -6.74 11.65 -0.75
CA ASN B 105 -7.14 11.86 0.62
C ASN B 105 -6.19 11.20 1.62
N LEU B 106 -5.95 11.89 2.73
CA LEU B 106 -5.05 11.41 3.78
C LEU B 106 -5.83 11.18 5.07
N PRO B 107 -5.46 10.17 5.90
CA PRO B 107 -6.19 9.97 7.16
C PRO B 107 -6.04 11.16 8.11
N LEU B 108 -7.14 11.58 8.74
CA LEU B 108 -7.10 12.72 9.66
C LEU B 108 -7.61 12.26 11.02
N GLN B 109 -8.87 11.80 11.10
CA GLN B 109 -9.42 11.30 12.36
C GLN B 109 -9.89 9.86 12.22
N LEU B 110 -9.31 8.98 13.00
CA LEU B 110 -9.61 7.56 12.99
C LEU B 110 -10.52 7.23 14.16
N GLY B 111 -11.69 6.72 13.85
CA GLY B 111 -12.70 6.40 14.83
C GLY B 111 -13.00 4.93 14.95
N PHE B 112 -13.22 4.47 16.20
CA PHE B 112 -13.50 3.07 16.51
C PHE B 112 -14.79 2.95 17.33
N SER B 113 -15.45 1.77 17.28
CA SER B 113 -16.68 1.57 18.05
C SER B 113 -16.46 1.55 19.59
N THR B 114 -15.18 1.52 20.03
CA THR B 114 -14.76 1.65 21.43
C THR B 114 -15.00 3.11 21.94
N GLY B 115 -15.33 4.05 21.06
CA GLY B 115 -15.50 5.45 21.40
C GLY B 115 -14.22 6.27 21.20
N VAL B 116 -13.10 5.61 20.86
CA VAL B 116 -11.83 6.26 20.63
C VAL B 116 -11.79 7.00 19.28
N ASN B 117 -11.18 8.19 19.28
CA ASN B 117 -10.88 9.02 18.13
C ASN B 117 -9.38 9.32 18.26
N LEU B 118 -8.62 9.10 17.17
CA LEU B 118 -7.18 9.37 17.14
C LEU B 118 -6.93 10.34 15.99
N VAL B 119 -6.23 11.45 16.27
CA VAL B 119 -5.99 12.47 15.24
C VAL B 119 -4.55 12.34 14.76
N ALA B 120 -4.36 12.14 13.46
CA ALA B 120 -3.03 11.99 12.89
C ALA B 120 -2.61 13.21 12.11
N VAL B 121 -1.30 13.43 12.03
CA VAL B 121 -0.70 14.47 11.19
C VAL B 121 -0.97 14.03 9.73
N PRO B 122 -1.45 14.92 8.84
CA PRO B 122 -1.68 14.51 7.43
C PRO B 122 -0.39 14.00 6.80
N THR B 123 -0.30 12.70 6.49
CA THR B 123 0.93 12.13 5.92
CA THR B 123 0.92 12.07 5.99
C THR B 123 0.67 11.32 4.69
N GLY B 124 1.58 11.48 3.73
CA GLY B 124 1.49 10.80 2.45
C GLY B 124 2.75 10.05 2.08
N TYR B 125 2.65 9.24 1.01
CA TYR B 125 3.77 8.47 0.49
C TYR B 125 4.30 9.26 -0.69
N VAL B 126 5.43 9.91 -0.50
CA VAL B 126 5.99 10.80 -1.49
C VAL B 126 7.15 10.18 -2.23
N ASP B 127 7.02 9.93 -3.52
CA ASP B 127 8.12 9.39 -4.33
C ASP B 127 9.22 10.42 -4.58
N THR B 128 10.47 9.97 -4.49
CA THR B 128 11.65 10.81 -4.69
C THR B 128 12.61 10.08 -5.67
N PRO B 129 13.74 10.69 -6.07
CA PRO B 129 14.68 9.99 -6.96
C PRO B 129 15.38 8.77 -6.33
N ASN B 130 15.23 8.57 -5.01
CA ASN B 130 15.96 7.48 -4.34
C ASN B 130 15.08 6.47 -3.64
N ASN B 131 13.84 6.85 -3.32
CA ASN B 131 12.94 5.97 -2.60
C ASN B 131 11.54 6.62 -2.42
N THR B 132 10.68 6.07 -1.56
CA THR B 132 9.40 6.65 -1.20
C THR B 132 9.54 7.15 0.23
N ASP B 133 9.25 8.41 0.43
CA ASP B 133 9.34 9.07 1.72
C ASP B 133 7.98 9.20 2.38
N PHE B 134 7.79 8.51 3.51
CA PHE B 134 6.57 8.56 4.32
C PHE B 134 6.70 9.83 5.16
N SER B 135 6.11 10.92 4.69
CA SER B 135 6.30 12.20 5.35
C SER B 135 5.04 13.07 5.41
N ARG B 136 5.02 14.08 6.31
CA ARG B 136 3.92 15.03 6.42
C ARG B 136 3.71 15.74 5.09
N VAL B 137 2.47 15.92 4.69
CA VAL B 137 2.16 16.60 3.43
C VAL B 137 1.17 17.73 3.70
N SER B 138 1.13 18.74 2.81
CA SER B 138 0.19 19.85 2.93
C SER B 138 -1.19 19.29 2.65
N ALA B 139 -2.13 19.64 3.50
CA ALA B 139 -3.48 19.15 3.38
C ALA B 139 -4.48 20.15 3.87
N LYS B 140 -5.71 20.08 3.34
CA LYS B 140 -6.79 20.96 3.76
C LYS B 140 -8.01 20.11 4.12
N PRO B 141 -8.77 20.49 5.15
CA PRO B 141 -10.01 19.74 5.45
C PRO B 141 -11.00 19.84 4.28
N PRO B 142 -11.84 18.82 4.07
CA PRO B 142 -12.76 18.84 2.91
C PRO B 142 -13.64 20.08 2.84
N PRO B 143 -13.94 20.55 1.61
CA PRO B 143 -14.74 21.78 1.46
C PRO B 143 -16.15 21.63 1.96
N GLY B 144 -16.57 22.51 2.85
CA GLY B 144 -17.93 22.48 3.37
C GLY B 144 -18.07 22.74 4.85
N ASP B 145 -19.32 22.75 5.33
CA ASP B 145 -19.64 23.00 6.73
C ASP B 145 -20.00 21.74 7.52
N GLN B 146 -20.17 20.60 6.83
CA GLN B 146 -20.36 19.33 7.53
C GLN B 146 -18.98 18.84 8.12
N PHE B 147 -17.86 19.50 7.72
CA PHE B 147 -16.49 19.20 8.08
C PHE B 147 -15.75 20.42 8.65
N LYS B 148 -16.48 21.40 9.24
CA LYS B 148 -15.79 22.54 9.86
C LYS B 148 -15.12 22.17 11.20
N HIS B 149 -15.50 21.03 11.79
CA HIS B 149 -14.88 20.52 13.02
C HIS B 149 -13.48 19.90 12.75
N LEU B 150 -13.13 19.66 11.46
CA LEU B 150 -11.84 19.10 11.06
C LEU B 150 -10.74 20.17 10.97
N ILE B 151 -11.11 21.47 10.89
CA ILE B 151 -10.19 22.59 10.83
C ILE B 151 -9.25 22.62 12.06
N PRO B 152 -9.75 22.57 13.32
CA PRO B 152 -8.82 22.56 14.46
C PRO B 152 -7.94 21.31 14.47
N LEU B 153 -8.50 20.16 14.06
CA LEU B 153 -7.79 18.88 14.02
C LEU B 153 -6.55 18.91 13.13
N MET B 154 -6.49 19.82 12.15
CA MET B 154 -5.32 19.92 11.27
C MET B 154 -4.03 20.29 12.07
N TYR B 155 -4.18 20.84 13.28
CA TYR B 155 -3.05 21.25 14.11
C TYR B 155 -2.92 20.42 15.41
N LYS B 156 -3.90 19.54 15.70
CA LYS B 156 -3.88 18.69 16.89
C LYS B 156 -3.53 17.21 16.56
N GLY B 157 -2.84 16.97 15.45
CA GLY B 157 -2.49 15.62 15.05
C GLY B 157 -1.20 15.09 15.63
N LEU B 158 -1.10 13.75 15.70
CA LEU B 158 0.05 13.04 16.21
C LEU B 158 0.80 12.35 15.06
N PRO B 159 2.12 12.20 15.16
CA PRO B 159 2.86 11.47 14.12
C PRO B 159 2.39 10.00 14.02
N TRP B 160 2.38 9.42 12.80
CA TRP B 160 1.89 8.07 12.58
C TRP B 160 2.61 7.00 13.41
N ASN B 161 3.88 7.21 13.77
CA ASN B 161 4.59 6.26 14.61
C ASN B 161 3.95 6.15 16.01
N VAL B 162 3.31 7.24 16.49
CA VAL B 162 2.62 7.27 17.78
C VAL B 162 1.19 6.75 17.60
N VAL B 163 0.51 7.22 16.54
CA VAL B 163 -0.86 6.81 16.21
C VAL B 163 -0.98 5.30 16.10
N ARG B 164 -0.09 4.62 15.35
CA ARG B 164 -0.20 3.17 15.18
C ARG B 164 0.09 2.40 16.47
N ILE B 165 0.95 2.95 17.38
CA ILE B 165 1.16 2.29 18.68
C ILE B 165 -0.16 2.40 19.51
N LYS B 166 -0.82 3.56 19.46
CA LYS B 166 -2.08 3.77 20.16
C LYS B 166 -3.20 2.85 19.65
N ILE B 167 -3.28 2.59 18.32
CA ILE B 167 -4.30 1.71 17.76
C ILE B 167 -4.09 0.30 18.28
N VAL B 168 -2.84 -0.18 18.22
CA VAL B 168 -2.48 -1.51 18.71
C VAL B 168 -2.79 -1.66 20.19
N GLN B 169 -2.49 -0.62 21.00
CA GLN B 169 -2.78 -0.69 22.43
C GLN B 169 -4.28 -0.73 22.70
N MET B 170 -5.05 0.12 21.99
CA MET B 170 -6.49 0.14 22.15
C MET B 170 -7.14 -1.19 21.77
N LEU B 171 -6.73 -1.78 20.63
CA LEU B 171 -7.27 -3.06 20.16
C LEU B 171 -6.91 -4.18 21.08
N SER B 172 -5.68 -4.18 21.59
CA SER B 172 -5.21 -5.20 22.51
C SER B 172 -5.97 -5.15 23.82
N ASP B 173 -6.14 -3.96 24.40
CA ASP B 173 -6.88 -3.83 25.66
C ASP B 173 -8.36 -4.20 25.48
N THR B 174 -8.95 -3.89 24.30
CA THR B 174 -10.34 -4.23 24.05
C THR B 174 -10.55 -5.72 23.79
N LEU B 175 -9.66 -6.34 23.02
CA LEU B 175 -9.90 -7.72 22.57
C LEU B 175 -9.20 -8.85 23.27
N LYS B 176 -8.20 -8.61 24.14
CA LYS B 176 -7.45 -9.73 24.74
C LYS B 176 -8.34 -10.79 25.42
N ASN B 177 -9.44 -10.39 26.06
CA ASN B 177 -10.34 -11.36 26.70
C ASN B 177 -11.59 -11.67 25.87
N LEU B 178 -11.64 -11.24 24.60
CA LEU B 178 -12.82 -11.44 23.76
C LEU B 178 -12.58 -12.38 22.58
N SER B 179 -11.44 -12.22 21.90
CA SER B 179 -11.17 -12.99 20.70
C SER B 179 -9.68 -13.13 20.43
N ASP B 180 -9.31 -14.11 19.60
CA ASP B 180 -7.92 -14.26 19.15
C ASP B 180 -7.68 -13.42 17.85
N ARG B 181 -8.59 -12.48 17.52
CA ARG B 181 -8.66 -11.76 16.23
C ARG B 181 -9.21 -10.34 16.41
N VAL B 182 -9.26 -9.58 15.29
CA VAL B 182 -10.01 -8.35 15.11
C VAL B 182 -10.75 -8.50 13.76
N VAL B 183 -12.01 -8.09 13.71
CA VAL B 183 -12.76 -8.00 12.48
C VAL B 183 -13.15 -6.53 12.43
N PHE B 184 -12.59 -5.76 11.48
CA PHE B 184 -12.98 -4.35 11.35
C PHE B 184 -14.31 -4.36 10.60
N VAL B 185 -15.34 -3.76 11.20
CA VAL B 185 -16.67 -3.72 10.60
C VAL B 185 -16.74 -2.34 9.93
N LEU B 186 -16.92 -2.32 8.60
CA LEU B 186 -16.83 -1.09 7.80
C LEU B 186 -18.12 -0.76 7.03
N TRP B 187 -18.26 0.49 6.56
CA TRP B 187 -19.34 0.96 5.68
C TRP B 187 -18.59 1.75 4.58
N ALA B 188 -18.60 1.28 3.31
CA ALA B 188 -17.89 1.85 2.15
C ALA B 188 -16.40 1.85 2.49
N HIS B 189 -15.80 0.66 2.44
CA HIS B 189 -14.46 0.34 2.94
C HIS B 189 -13.25 1.03 2.33
N GLY B 190 -13.39 1.61 1.15
CA GLY B 190 -12.29 2.21 0.40
C GLY B 190 -11.27 3.00 1.17
N PHE B 191 -11.72 4.07 1.83
CA PHE B 191 -10.81 4.94 2.56
C PHE B 191 -10.30 4.29 3.86
N GLU B 192 -11.08 3.38 4.46
CA GLU B 192 -10.63 2.68 5.66
C GLU B 192 -9.48 1.74 5.29
N LEU B 193 -9.58 1.06 4.13
CA LEU B 193 -8.55 0.15 3.63
C LEU B 193 -7.27 0.93 3.30
N THR B 194 -7.41 2.13 2.76
CA THR B 194 -6.31 3.04 2.47
C THR B 194 -5.58 3.40 3.78
N SER B 195 -6.36 3.74 4.82
CA SER B 195 -5.88 4.09 6.14
C SER B 195 -5.19 2.92 6.81
N MET B 196 -5.65 1.67 6.56
CA MET B 196 -5.02 0.46 7.08
C MET B 196 -3.59 0.32 6.58
N LYS B 197 -3.27 0.81 5.37
CA LYS B 197 -1.90 0.77 4.85
C LYS B 197 -0.89 1.43 5.83
N TYR B 198 -1.37 2.39 6.61
CA TYR B 198 -0.64 3.15 7.61
C TYR B 198 -0.37 2.38 8.92
N PHE B 199 -1.09 1.29 9.22
CA PHE B 199 -0.90 0.58 10.50
C PHE B 199 -1.11 -0.94 10.46
N VAL B 200 -1.26 -1.52 9.26
CA VAL B 200 -1.50 -2.96 9.13
C VAL B 200 -0.39 -3.63 8.32
N LYS B 201 0.02 -4.82 8.75
CA LYS B 201 0.95 -5.66 8.01
C LYS B 201 0.27 -7.03 7.86
N ILE B 202 0.55 -7.72 6.75
CA ILE B 202 -0.02 -9.03 6.48
C ILE B 202 1.09 -10.05 6.12
N GLY B 203 0.75 -11.34 6.20
CA GLY B 203 1.68 -12.41 5.86
C GLY B 203 1.10 -13.75 6.28
N PRO B 204 1.94 -14.80 6.36
CA PRO B 204 1.41 -16.08 6.85
C PRO B 204 1.04 -16.03 8.34
N GLU B 205 0.20 -16.95 8.80
CA GLU B 205 -0.18 -17.01 10.22
C GLU B 205 1.03 -17.33 11.06
N ARG B 206 1.23 -16.53 12.12
CA ARG B 206 2.34 -16.71 13.04
C ARG B 206 1.80 -16.90 14.49
N THR B 207 2.70 -17.22 15.44
CA THR B 207 2.32 -17.37 16.84
C THR B 207 3.00 -16.30 17.68
N CYS B 208 2.45 -16.02 18.87
CA CYS B 208 3.04 -15.02 19.75
C CYS B 208 4.47 -15.41 20.18
N CYS B 209 5.33 -14.42 20.39
CA CYS B 209 6.71 -14.69 20.81
C CYS B 209 6.74 -15.27 22.24
N LEU B 210 5.81 -14.81 23.10
CA LEU B 210 5.72 -15.24 24.50
C LEU B 210 4.70 -16.33 24.84
N CYS B 211 3.87 -16.75 23.87
CA CYS B 211 2.87 -17.79 24.15
C CYS B 211 2.48 -18.59 22.88
N ASP B 212 1.48 -19.48 22.98
CA ASP B 212 1.04 -20.27 21.84
C ASP B 212 -0.18 -19.70 21.10
N ARG B 213 -0.71 -18.52 21.53
CA ARG B 213 -1.86 -17.92 20.86
C ARG B 213 -1.44 -17.36 19.47
N ARG B 214 -2.39 -17.26 18.52
CA ARG B 214 -2.07 -16.71 17.20
C ARG B 214 -1.62 -15.25 17.32
N ALA B 215 -0.71 -14.81 16.44
CA ALA B 215 -0.22 -13.44 16.45
C ALA B 215 -1.21 -12.50 15.78
N THR B 216 -1.50 -11.40 16.47
CA THR B 216 -2.38 -10.33 16.01
C THR B 216 -1.63 -8.99 15.89
N CYS B 217 -0.34 -8.92 16.34
CA CYS B 217 0.47 -7.72 16.37
C CYS B 217 1.87 -7.97 15.84
N PHE B 218 2.51 -6.95 15.29
CA PHE B 218 3.86 -7.07 14.75
C PHE B 218 4.65 -5.85 15.16
N SER B 219 5.93 -6.06 15.48
CA SER B 219 6.80 -4.96 15.89
C SER B 219 7.92 -4.80 14.84
N THR B 220 8.04 -3.61 14.23
CA THR B 220 9.08 -3.39 13.23
C THR B 220 10.44 -3.32 13.90
N ALA B 221 10.51 -2.69 15.07
CA ALA B 221 11.73 -2.50 15.85
C ALA B 221 12.44 -3.80 16.16
N SER B 222 11.68 -4.85 16.52
CA SER B 222 12.29 -6.12 16.88
C SER B 222 12.08 -7.25 15.89
N ASP B 223 11.22 -7.05 14.85
CA ASP B 223 10.88 -8.11 13.88
C ASP B 223 10.24 -9.29 14.62
N THR B 224 9.35 -9.00 15.59
CA THR B 224 8.68 -10.05 16.36
C THR B 224 7.16 -9.89 16.31
N TYR B 225 6.44 -10.94 16.70
CA TYR B 225 4.98 -10.97 16.70
C TYR B 225 4.44 -11.24 18.09
N ALA B 226 3.20 -10.78 18.35
CA ALA B 226 2.56 -11.00 19.64
C ALA B 226 1.05 -11.11 19.53
N CYS B 227 0.42 -11.82 20.46
CA CYS B 227 -1.04 -11.90 20.54
C CYS B 227 -1.53 -10.56 21.20
N TRP B 228 -2.82 -10.41 21.53
CA TRP B 228 -3.31 -9.19 22.18
C TRP B 228 -2.83 -9.07 23.64
N HIS B 229 -2.33 -10.17 24.25
CA HIS B 229 -1.90 -10.12 25.64
C HIS B 229 -0.47 -9.64 25.82
N HIS B 230 0.37 -9.79 24.80
CA HIS B 230 1.79 -9.47 24.94
C HIS B 230 2.30 -8.44 23.95
N SER B 231 1.41 -7.54 23.51
CA SER B 231 1.70 -6.57 22.45
C SER B 231 2.18 -5.20 22.90
N ILE B 232 2.60 -5.03 24.15
CA ILE B 232 3.09 -3.74 24.64
C ILE B 232 4.31 -3.28 23.81
N GLY B 233 4.25 -2.05 23.30
CA GLY B 233 5.31 -1.50 22.45
C GLY B 233 5.17 -1.81 20.97
N PHE B 234 4.26 -2.74 20.59
CA PHE B 234 4.06 -3.12 19.20
C PHE B 234 3.43 -2.00 18.39
N ASP B 235 3.86 -1.85 17.14
CA ASP B 235 3.39 -0.75 16.31
C ASP B 235 2.46 -1.17 15.19
N TYR B 236 2.43 -2.45 14.77
CA TYR B 236 1.53 -2.85 13.68
C TYR B 236 0.47 -3.89 14.05
N VAL B 237 -0.70 -3.79 13.40
CA VAL B 237 -1.80 -4.76 13.51
C VAL B 237 -1.49 -5.82 12.47
N TYR B 238 -1.32 -7.06 12.89
CA TYR B 238 -0.93 -8.14 12.00
C TYR B 238 -2.08 -9.09 11.65
N ASN B 239 -2.28 -9.33 10.33
CA ASN B 239 -3.32 -10.18 9.79
C ASN B 239 -4.71 -9.89 10.35
N PRO B 240 -5.18 -8.62 10.24
CA PRO B 240 -6.56 -8.34 10.68
C PRO B 240 -7.59 -8.85 9.65
N PHE B 241 -8.84 -8.94 10.07
CA PHE B 241 -9.93 -9.35 9.19
C PHE B 241 -10.91 -8.19 9.10
N MET B 242 -11.80 -8.20 8.10
CA MET B 242 -12.71 -7.08 7.90
C MET B 242 -13.85 -7.43 6.99
N ILE B 243 -14.88 -6.61 7.04
CA ILE B 243 -16.07 -6.82 6.21
C ILE B 243 -16.74 -5.49 5.96
N ASP B 244 -17.36 -5.34 4.81
CA ASP B 244 -18.05 -4.12 4.44
C ASP B 244 -19.59 -4.29 4.50
N VAL B 245 -20.19 -3.75 5.55
CA VAL B 245 -21.62 -3.76 5.81
C VAL B 245 -22.42 -3.09 4.70
N GLN B 246 -21.84 -2.09 4.00
CA GLN B 246 -22.54 -1.41 2.91
C GLN B 246 -22.94 -2.38 1.80
N GLN B 247 -22.08 -3.35 1.54
CA GLN B 247 -22.27 -4.34 0.50
C GLN B 247 -23.31 -5.41 0.79
N TRP B 248 -24.03 -5.32 1.92
CA TRP B 248 -25.07 -6.27 2.28
C TRP B 248 -26.45 -5.93 1.67
N GLY B 249 -26.46 -5.17 0.59
CA GLY B 249 -27.70 -4.80 -0.10
C GLY B 249 -28.48 -3.64 0.45
N PHE B 250 -27.87 -2.79 1.30
CA PHE B 250 -28.56 -1.62 1.84
C PHE B 250 -28.67 -0.56 0.75
N THR B 251 -29.80 0.16 0.70
CA THR B 251 -29.97 1.18 -0.32
C THR B 251 -29.48 2.57 0.11
N GLY B 252 -29.89 3.07 1.26
CA GLY B 252 -29.51 4.42 1.68
C GLY B 252 -28.12 4.57 2.27
N ASN B 253 -27.90 5.69 2.98
CA ASN B 253 -26.62 5.95 3.65
C ASN B 253 -26.53 5.22 5.04
N LEU B 254 -25.37 5.27 5.71
CA LEU B 254 -25.18 4.60 7.01
C LEU B 254 -26.25 4.99 8.06
N GLN B 255 -26.39 6.29 8.36
CA GLN B 255 -27.34 6.75 9.36
C GLN B 255 -28.78 6.35 9.10
N SER B 256 -29.27 6.44 7.84
CA SER B 256 -30.66 6.07 7.57
C SER B 256 -30.92 4.58 7.76
N ASN B 257 -29.93 3.70 7.52
CA ASN B 257 -30.13 2.26 7.75
C ASN B 257 -29.94 1.89 9.21
N HIS B 258 -29.00 2.56 9.91
CA HIS B 258 -28.80 2.33 11.34
C HIS B 258 -30.06 2.77 12.10
N ASP B 259 -30.64 3.92 11.73
CA ASP B 259 -31.81 4.48 12.40
C ASP B 259 -33.07 3.65 12.29
N LEU B 260 -33.12 2.69 11.36
CA LEU B 260 -34.29 1.83 11.24
C LEU B 260 -34.39 0.88 12.43
N TYR B 261 -33.25 0.46 13.02
CA TYR B 261 -33.27 -0.51 14.13
C TYR B 261 -32.90 0.06 15.47
N CYS B 262 -32.20 1.18 15.50
CA CYS B 262 -31.65 1.73 16.73
C CYS B 262 -31.90 3.22 16.88
N GLN B 263 -32.35 3.62 18.09
CA GLN B 263 -32.62 5.04 18.37
C GLN B 263 -31.74 5.64 19.48
N VAL B 264 -30.67 4.93 19.87
CA VAL B 264 -29.82 5.37 20.99
C VAL B 264 -28.40 5.80 20.57
N HIS B 265 -28.14 5.92 19.27
CA HIS B 265 -26.84 6.37 18.78
C HIS B 265 -27.06 7.52 17.81
N GLY B 266 -27.27 8.73 18.34
CA GLY B 266 -27.45 9.91 17.50
C GLY B 266 -26.18 10.27 16.74
N ASN B 267 -26.32 10.92 15.56
CA ASN B 267 -25.12 11.25 14.78
C ASN B 267 -24.44 12.50 15.23
N ALA B 268 -23.38 12.36 16.04
CA ALA B 268 -22.60 13.53 16.46
C ALA B 268 -21.58 14.00 15.38
N HIS B 269 -21.62 13.39 14.17
CA HIS B 269 -20.81 13.68 12.97
C HIS B 269 -19.30 13.59 13.21
N VAL B 270 -18.87 12.54 13.91
CA VAL B 270 -17.46 12.31 14.21
C VAL B 270 -17.10 10.84 13.87
N ALA B 271 -15.82 10.58 13.57
CA ALA B 271 -15.36 9.25 13.18
C ALA B 271 -15.83 8.10 14.08
N SER B 272 -15.71 8.25 15.42
CA SER B 272 -16.15 7.18 16.33
C SER B 272 -17.65 6.91 16.26
N CYS B 273 -18.46 7.95 16.01
N CYS B 273 -18.47 7.94 16.01
CA CYS B 273 -19.91 7.83 15.90
CA CYS B 273 -19.91 7.80 15.92
C CYS B 273 -20.30 6.98 14.71
C CYS B 273 -20.33 7.00 14.69
N ASP B 274 -19.62 7.18 13.57
CA ASP B 274 -19.90 6.39 12.38
C ASP B 274 -19.49 4.93 12.64
N ALA B 275 -18.35 4.71 13.31
CA ALA B 275 -17.86 3.40 13.66
C ALA B 275 -18.81 2.67 14.63
N ILE B 276 -19.38 3.39 15.60
CA ILE B 276 -20.37 2.82 16.54
C ILE B 276 -21.63 2.39 15.77
N MET B 277 -22.12 3.27 14.89
CA MET B 277 -23.32 2.99 14.08
C MET B 277 -23.08 1.82 13.14
N THR B 278 -21.88 1.72 12.54
CA THR B 278 -21.55 0.62 11.62
C THR B 278 -21.64 -0.72 12.33
N ARG B 279 -21.00 -0.86 13.51
CA ARG B 279 -21.04 -2.10 14.28
C ARG B 279 -22.46 -2.38 14.79
N CYS B 280 -23.18 -1.34 15.26
CA CYS B 280 -24.56 -1.47 15.75
C CYS B 280 -25.44 -2.01 14.63
N LEU B 281 -25.33 -1.44 13.42
CA LEU B 281 -26.13 -1.86 12.28
C LEU B 281 -25.84 -3.33 11.93
N ALA B 282 -24.55 -3.69 11.89
CA ALA B 282 -24.11 -5.05 11.61
C ALA B 282 -24.70 -6.05 12.60
N VAL B 283 -24.76 -5.69 13.90
CA VAL B 283 -25.32 -6.58 14.92
C VAL B 283 -26.81 -6.79 14.68
N HIS B 284 -27.60 -5.70 14.54
CA HIS B 284 -29.05 -5.81 14.29
C HIS B 284 -29.37 -6.61 13.02
N GLU B 285 -28.67 -6.34 11.94
CA GLU B 285 -28.90 -7.00 10.66
C GLU B 285 -28.52 -8.47 10.73
N CYS B 286 -27.40 -8.79 11.40
CA CYS B 286 -26.93 -10.17 11.44
C CYS B 286 -27.64 -11.08 12.44
N PHE B 287 -28.11 -10.55 13.55
CA PHE B 287 -28.66 -11.41 14.62
C PHE B 287 -30.18 -11.31 14.82
N VAL B 288 -30.87 -10.36 14.17
CA VAL B 288 -32.33 -10.28 14.29
C VAL B 288 -32.94 -10.93 13.06
ZN ZN C . 13.56 0.58 -5.90
ZN ZN D . 31.58 -12.15 -13.17
ZN ZN E . 1.05 -14.12 23.61
ZN ZN F . -27.18 2.08 17.24
N1 A1IGM G . 1.73 10.57 -16.05
C4 A1IGM G . 2.88 11.56 -14.41
C5 A1IGM G . 2.48 10.29 -13.98
C6 A1IGM G . 1.78 9.72 -15.00
C1 A1IGM G . 1.03 10.28 -17.31
C2 A1IGM G . 2.42 11.72 -15.70
C3 A1IGM G . 2.56 12.86 -16.62
N2 A1IGM G . 2.59 14.07 -16.06
O1 A1IGM G . 2.65 12.70 -17.84
MG MG H . -17.26 6.96 5.39
#